data_9KTA
#
_entry.id   9KTA
#
_cell.length_a   48.620
_cell.length_b   49.820
_cell.length_c   118.430
_cell.angle_alpha   90.00
_cell.angle_beta   90.00
_cell.angle_gamma   90.00
#
_symmetry.space_group_name_H-M   'P 21 21 21'
#
loop_
_entity.id
_entity.type
_entity.pdbx_description
1 polymer 'Coproporphyrin III ferrochelatase'
2 non-polymer 'MAGNESIUM ION'
3 non-polymer 'CHLORIDE ION'
4 water water
#
_entity_poly.entity_id   1
_entity_poly.type   'polypeptide(L)'
_entity_poly.pdbx_seq_one_letter_code
;MVSRKKMGLLVMACGTPYKEEDIERYYTHIRRGRKPEPEMLQDLKDRYEAIGGISPLAQITEQQAHNLEQHLNEIQDEIT
FKAYIGLKHIEPFIEDAVAEMHKDGITEAVSIVLAPHFSTFSVQSYNKRAKEEAEKLGGLTITSVESWYDEPKFVTYWVD
RVKETYASMPEDERENAMLIVSAHSLPEKIKEFGDPYPDQLHESAKLIAEGAGVSEYAVGWQSEGNTPDPWLGPDVQDLT
RDLFEQKGYQAFVYVPVGFVADHLEVLYDNDYECKVVTDDIGASYYRPEMPNAKPEFIDALATVVLKKLGRVDKLAAALE
HHHHHH
;
_entity_poly.pdbx_strand_id   A
#
loop_
_chem_comp.id
_chem_comp.type
_chem_comp.name
_chem_comp.formula
CL non-polymer 'CHLORIDE ION' 'Cl -1'
MG non-polymer 'MAGNESIUM ION' 'Mg 2'
#
# COMPACT_ATOMS: atom_id res chain seq x y z
N SER A 3 -25.89 -3.16 25.01
CA SER A 3 -24.60 -2.49 25.06
C SER A 3 -23.80 -2.76 23.78
N ARG A 4 -22.66 -2.07 23.64
CA ARG A 4 -21.89 -2.15 22.41
C ARG A 4 -21.19 -3.51 22.33
N LYS A 5 -21.19 -4.08 21.14
CA LYS A 5 -20.42 -5.28 20.88
C LYS A 5 -18.96 -4.91 20.73
N LYS A 6 -18.08 -5.67 21.35
CA LYS A 6 -16.65 -5.47 21.23
C LYS A 6 -16.14 -6.24 20.01
N MET A 7 -15.31 -5.59 19.19
CA MET A 7 -14.70 -6.29 18.07
C MET A 7 -13.23 -5.93 17.98
N GLY A 8 -12.41 -6.91 17.60
CA GLY A 8 -11.06 -6.59 17.18
C GLY A 8 -11.07 -6.00 15.78
N LEU A 9 -10.13 -5.09 15.55
CA LEU A 9 -9.89 -4.48 14.25
C LEU A 9 -8.44 -4.83 13.92
N LEU A 10 -8.25 -5.80 13.05
CA LEU A 10 -6.91 -6.30 12.75
C LEU A 10 -6.44 -5.59 11.48
N VAL A 11 -5.43 -4.75 11.62
CA VAL A 11 -4.91 -3.91 10.54
C VAL A 11 -3.57 -4.49 10.14
N MET A 12 -3.45 -4.91 8.88
CA MET A 12 -2.28 -5.66 8.44
C MET A 12 -1.52 -4.90 7.35
N ALA A 13 -0.21 -5.10 7.34
CA ALA A 13 0.65 -4.40 6.40
C ALA A 13 1.99 -5.14 6.33
N CYS A 14 2.82 -4.74 5.38
CA CYS A 14 4.08 -5.45 5.29
CA CYS A 14 4.13 -5.37 5.24
CA CYS A 14 4.14 -5.33 5.21
C CYS A 14 5.01 -5.12 6.45
N GLY A 15 4.95 -3.92 7.01
CA GLY A 15 5.84 -3.52 8.07
C GLY A 15 7.00 -2.72 7.52
N THR A 16 7.69 -2.04 8.44
CA THR A 16 8.85 -1.23 8.15
C THR A 16 9.84 -1.34 9.32
N PRO A 17 11.13 -1.19 9.07
CA PRO A 17 12.08 -1.16 10.19
C PRO A 17 11.75 -0.02 11.13
N TYR A 18 12.07 -0.17 12.41
CA TYR A 18 11.82 0.88 13.40
C TYR A 18 13.03 1.77 13.62
N LYS A 19 14.22 1.28 13.31
CA LYS A 19 15.47 2.00 13.48
C LYS A 19 16.47 1.43 12.49
N GLU A 20 17.60 2.13 12.30
CA GLU A 20 18.53 1.69 11.26
C GLU A 20 19.05 0.29 11.53
N GLU A 21 19.23 -0.09 12.81
CA GLU A 21 19.76 -1.41 13.14
C GLU A 21 18.76 -2.52 12.85
N ASP A 22 17.52 -2.22 12.46
CA ASP A 22 16.55 -3.22 12.05
C ASP A 22 16.62 -3.53 10.56
N ILE A 23 17.34 -2.73 9.78
CA ILE A 23 17.36 -2.94 8.33
C ILE A 23 17.82 -4.35 7.98
N GLU A 24 18.91 -4.81 8.61
CA GLU A 24 19.45 -6.11 8.25
CA GLU A 24 19.45 -6.13 8.25
C GLU A 24 18.39 -7.20 8.39
N ARG A 25 17.71 -7.26 9.53
CA ARG A 25 16.76 -8.35 9.79
CA ARG A 25 16.81 -8.38 9.70
C ARG A 25 15.53 -8.18 8.91
N TYR A 26 15.09 -6.93 8.73
CA TYR A 26 13.89 -6.70 7.94
CA TYR A 26 13.90 -6.68 7.94
C TYR A 26 14.10 -7.16 6.50
N TYR A 27 15.21 -6.77 5.91
CA TYR A 27 15.50 -7.18 4.54
C TYR A 27 15.85 -8.66 4.45
N THR A 28 16.46 -9.24 5.50
CA THR A 28 16.65 -10.69 5.47
C THR A 28 15.31 -11.38 5.34
N HIS A 29 14.32 -10.86 6.08
CA HIS A 29 12.98 -11.45 6.09
C HIS A 29 12.33 -11.31 4.71
N ILE A 30 12.42 -10.12 4.10
CA ILE A 30 11.87 -9.94 2.76
C ILE A 30 12.56 -10.85 1.78
N ARG A 31 13.86 -11.04 1.93
CA ARG A 31 14.68 -11.87 1.07
C ARG A 31 14.62 -13.35 1.45
N ARG A 32 13.66 -13.75 2.28
CA ARG A 32 13.40 -15.16 2.55
CA ARG A 32 13.41 -15.17 2.52
C ARG A 32 14.64 -15.85 3.13
N GLY A 33 15.26 -15.19 4.11
CA GLY A 33 16.36 -15.78 4.84
C GLY A 33 17.74 -15.45 4.34
N ARG A 34 17.84 -14.69 3.26
CA ARG A 34 19.12 -14.38 2.64
C ARG A 34 19.60 -13.01 3.16
N LYS A 35 20.59 -13.02 4.04
CA LYS A 35 21.08 -11.78 4.64
C LYS A 35 21.67 -10.91 3.54
N PRO A 36 21.33 -9.62 3.47
CA PRO A 36 21.97 -8.75 2.47
C PRO A 36 23.47 -8.69 2.70
N GLU A 37 24.20 -8.60 1.60
CA GLU A 37 25.64 -8.44 1.66
C GLU A 37 25.98 -7.05 2.18
N PRO A 38 27.22 -6.84 2.63
CA PRO A 38 27.55 -5.56 3.26
C PRO A 38 27.30 -4.34 2.38
N GLU A 39 27.60 -4.42 1.08
CA GLU A 39 27.39 -3.26 0.23
CA GLU A 39 27.39 -3.25 0.24
C GLU A 39 25.92 -2.90 0.14
N MET A 40 25.05 -3.91 0.09
CA MET A 40 23.62 -3.65 0.07
CA MET A 40 23.62 -3.67 0.07
C MET A 40 23.12 -3.09 1.40
N LEU A 41 23.63 -3.59 2.52
CA LEU A 41 23.23 -3.02 3.80
C LEU A 41 23.55 -1.53 3.86
N GLN A 42 24.76 -1.16 3.42
CA GLN A 42 25.14 0.24 3.44
C GLN A 42 24.26 1.07 2.51
N ASP A 43 23.98 0.54 1.31
CA ASP A 43 23.12 1.25 0.37
C ASP A 43 21.74 1.50 0.95
N LEU A 44 21.17 0.47 1.58
CA LEU A 44 19.85 0.65 2.18
C LEU A 44 19.85 1.71 3.26
N LYS A 45 20.88 1.70 4.11
CA LYS A 45 20.97 2.75 5.12
C LYS A 45 20.99 4.12 4.46
N ASP A 46 21.78 4.26 3.39
CA ASP A 46 21.89 5.55 2.70
C ASP A 46 20.55 5.98 2.11
N ARG A 47 19.77 5.02 1.57
CA ARG A 47 18.47 5.35 0.99
C ARG A 47 17.54 5.88 2.07
N TYR A 48 17.51 5.19 3.22
CA TYR A 48 16.66 5.65 4.32
C TYR A 48 17.11 7.02 4.83
N GLU A 49 18.42 7.29 4.90
CA GLU A 49 18.88 8.62 5.29
C GLU A 49 18.43 9.68 4.28
N ALA A 50 18.50 9.34 3.00
CA ALA A 50 18.13 10.28 1.93
C ALA A 50 16.66 10.65 1.97
N ILE A 51 15.79 9.73 2.41
CA ILE A 51 14.36 10.02 2.47
C ILE A 51 13.94 10.70 3.77
N GLY A 52 14.88 11.04 4.65
CA GLY A 52 14.54 11.75 5.87
C GLY A 52 14.53 10.92 7.13
N GLY A 53 14.90 9.64 7.05
CA GLY A 53 15.07 8.79 8.21
C GLY A 53 13.96 7.76 8.34
N ILE A 54 14.18 6.82 9.24
CA ILE A 54 13.34 5.63 9.43
C ILE A 54 12.22 5.83 10.42
N SER A 55 12.47 6.46 11.57
CA SER A 55 11.47 6.52 12.63
C SER A 55 10.12 7.00 12.16
N PRO A 56 9.99 7.97 11.26
CA PRO A 56 8.65 8.37 10.87
C PRO A 56 7.83 7.24 10.22
N LEU A 57 8.47 6.20 9.66
CA LEU A 57 7.76 5.27 8.78
C LEU A 57 6.77 4.36 9.52
N ALA A 58 7.23 3.63 10.54
CA ALA A 58 6.29 2.76 11.27
C ALA A 58 5.28 3.58 12.02
N GLN A 59 5.66 4.83 12.34
CA GLN A 59 4.72 5.71 13.02
CA GLN A 59 4.73 5.70 13.03
C GLN A 59 3.48 5.92 12.18
N ILE A 60 3.64 6.01 10.85
CA ILE A 60 2.46 6.21 10.01
C ILE A 60 1.46 5.08 10.18
N THR A 61 1.96 3.86 10.12
CA THR A 61 1.06 2.71 10.18
C THR A 61 0.34 2.65 11.52
N GLU A 62 1.08 2.88 12.59
CA GLU A 62 0.47 2.95 13.91
C GLU A 62 -0.59 4.03 13.96
N GLN A 63 -0.30 5.20 13.39
CA GLN A 63 -1.27 6.28 13.37
C GLN A 63 -2.51 5.90 12.55
N GLN A 64 -2.31 5.21 11.42
CA GLN A 64 -3.46 4.79 10.63
C GLN A 64 -4.36 3.88 11.45
N ALA A 65 -3.76 2.89 12.12
CA ALA A 65 -4.58 1.94 12.86
C ALA A 65 -5.28 2.62 14.02
N HIS A 66 -4.57 3.49 14.74
CA HIS A 66 -5.18 4.13 15.89
CA HIS A 66 -5.13 4.20 15.89
C HIS A 66 -6.23 5.15 15.46
N ASN A 67 -5.98 5.91 14.41
CA ASN A 67 -6.99 6.86 13.95
C ASN A 67 -8.21 6.12 13.41
N LEU A 68 -8.00 5.00 12.73
CA LEU A 68 -9.14 4.22 12.25
C LEU A 68 -9.98 3.70 13.41
N GLU A 69 -9.34 3.16 14.44
CA GLU A 69 -10.07 2.71 15.63
C GLU A 69 -10.91 3.84 16.20
N GLN A 70 -10.28 4.99 16.45
CA GLN A 70 -11.00 6.07 17.10
C GLN A 70 -12.15 6.57 16.21
N HIS A 71 -11.90 6.68 14.91
CA HIS A 71 -12.92 7.19 14.02
C HIS A 71 -14.09 6.23 13.90
N LEU A 72 -13.81 4.93 13.70
CA LEU A 72 -14.88 3.95 13.70
C LEU A 72 -15.70 4.06 14.97
N ASN A 73 -15.04 4.21 16.12
CA ASN A 73 -15.78 4.23 17.38
C ASN A 73 -16.64 5.47 17.52
N GLU A 74 -16.25 6.58 16.88
CA GLU A 74 -17.01 7.82 16.99
C GLU A 74 -18.16 7.91 16.01
N ILE A 75 -18.08 7.24 14.85
CA ILE A 75 -19.09 7.46 13.80
C ILE A 75 -20.27 6.53 13.89
N GLN A 76 -20.23 5.53 14.76
CA GLN A 76 -21.37 4.63 14.95
C GLN A 76 -21.36 4.21 16.41
N ASP A 77 -22.50 3.66 16.83
CA ASP A 77 -22.78 3.47 18.23
C ASP A 77 -23.02 2.02 18.62
N GLU A 78 -22.82 1.08 17.71
CA GLU A 78 -23.13 -0.33 17.91
C GLU A 78 -21.94 -1.15 18.34
N ILE A 79 -20.75 -0.80 17.87
CA ILE A 79 -19.54 -1.60 18.05
C ILE A 79 -18.48 -0.75 18.70
N THR A 80 -17.71 -1.33 19.59
CA THR A 80 -16.46 -0.73 20.04
C THR A 80 -15.32 -1.56 19.51
N PHE A 81 -14.49 -0.92 18.70
CA PHE A 81 -13.35 -1.57 18.07
C PHE A 81 -12.09 -1.33 18.89
N LYS A 82 -11.20 -2.33 18.89
CA LYS A 82 -9.83 -2.18 19.39
C LYS A 82 -8.91 -2.63 18.28
N ALA A 83 -8.03 -1.75 17.86
CA ALA A 83 -7.09 -2.05 16.78
C ALA A 83 -5.90 -2.88 17.27
N TYR A 84 -5.46 -3.80 16.42
CA TYR A 84 -4.25 -4.59 16.58
C TYR A 84 -3.54 -4.58 15.24
N ILE A 85 -2.24 -4.33 15.24
CA ILE A 85 -1.45 -4.30 14.03
C ILE A 85 -0.77 -5.64 13.84
N GLY A 86 -0.89 -6.20 12.66
CA GLY A 86 -0.21 -7.42 12.30
C GLY A 86 0.58 -7.22 11.04
N LEU A 87 1.88 -7.51 11.11
CA LEU A 87 2.81 -7.21 10.03
C LEU A 87 3.41 -8.48 9.46
N LYS A 88 3.88 -8.36 8.22
CA LYS A 88 4.48 -9.51 7.57
CA LYS A 88 4.48 -9.49 7.53
C LYS A 88 5.96 -9.65 7.87
N HIS A 89 6.75 -8.57 7.85
CA HIS A 89 8.20 -8.73 7.85
C HIS A 89 8.92 -8.29 9.10
N ILE A 90 8.21 -7.84 10.12
CA ILE A 90 8.82 -7.45 11.39
C ILE A 90 7.73 -7.54 12.45
N GLU A 91 8.13 -7.65 13.71
CA GLU A 91 7.13 -7.70 14.78
C GLU A 91 6.41 -6.35 14.87
N PRO A 92 5.15 -6.34 15.30
CA PRO A 92 4.34 -7.51 15.67
C PRO A 92 3.87 -8.25 14.45
N PHE A 93 4.14 -9.55 14.39
CA PHE A 93 3.71 -10.36 13.27
C PHE A 93 2.20 -10.62 13.33
N ILE A 94 1.63 -10.97 12.18
CA ILE A 94 0.21 -11.29 12.11
C ILE A 94 -0.22 -12.27 13.19
N GLU A 95 0.51 -13.38 13.31
CA GLU A 95 0.12 -14.40 14.29
C GLU A 95 0.19 -13.87 15.71
N ASP A 96 1.14 -12.96 15.98
CA ASP A 96 1.25 -12.30 17.29
C ASP A 96 0.02 -11.45 17.57
N ALA A 97 -0.42 -10.69 16.58
CA ALA A 97 -1.59 -9.84 16.74
C ALA A 97 -2.82 -10.68 17.04
N VAL A 98 -2.99 -11.79 16.32
CA VAL A 98 -4.14 -12.64 16.57
C VAL A 98 -4.08 -13.25 17.96
N ALA A 99 -2.91 -13.74 18.36
CA ALA A 99 -2.76 -14.28 19.70
C ALA A 99 -3.06 -13.24 20.76
N GLU A 100 -2.66 -11.98 20.54
CA GLU A 100 -2.97 -10.93 21.50
C GLU A 100 -4.46 -10.65 21.58
N MET A 101 -5.14 -10.58 20.43
CA MET A 101 -6.60 -10.45 20.46
C MET A 101 -7.20 -11.56 21.31
N HIS A 102 -6.77 -12.81 21.07
CA HIS A 102 -7.37 -13.93 21.79
C HIS A 102 -7.11 -13.82 23.29
N LYS A 103 -5.88 -13.46 23.66
CA LYS A 103 -5.54 -13.28 25.07
C LYS A 103 -6.37 -12.18 25.73
N ASP A 104 -6.66 -11.10 24.98
CA ASP A 104 -7.39 -9.95 25.49
C ASP A 104 -8.88 -10.19 25.56
N GLY A 105 -9.35 -11.34 25.12
CA GLY A 105 -10.76 -11.67 25.19
C GLY A 105 -11.58 -11.36 23.95
N ILE A 106 -10.95 -10.94 22.84
CA ILE A 106 -11.68 -10.72 21.60
C ILE A 106 -12.17 -12.07 21.09
N THR A 107 -13.44 -12.14 20.69
CA THR A 107 -13.96 -13.33 20.03
C THR A 107 -14.41 -13.08 18.60
N GLU A 108 -14.52 -11.82 18.17
CA GLU A 108 -15.03 -11.47 16.84
C GLU A 108 -14.20 -10.31 16.35
N ALA A 109 -13.65 -10.44 15.14
CA ALA A 109 -12.82 -9.37 14.62
C ALA A 109 -13.11 -9.17 13.13
N VAL A 110 -12.70 -8.00 12.65
CA VAL A 110 -12.70 -7.67 11.23
C VAL A 110 -11.28 -7.26 10.88
N SER A 111 -10.80 -7.70 9.73
CA SER A 111 -9.45 -7.34 9.32
C SER A 111 -9.49 -6.52 8.03
N ILE A 112 -8.43 -5.73 7.87
CA ILE A 112 -8.22 -4.97 6.64
C ILE A 112 -6.71 -4.88 6.42
N VAL A 113 -6.31 -5.03 5.15
CA VAL A 113 -4.92 -4.87 4.76
C VAL A 113 -4.73 -3.47 4.20
N LEU A 114 -3.64 -2.82 4.58
CA LEU A 114 -3.34 -1.45 4.15
C LEU A 114 -2.73 -1.44 2.74
N ALA A 115 -3.49 -2.01 1.80
CA ALA A 115 -3.16 -2.08 0.40
C ALA A 115 -4.50 -2.32 -0.29
N PRO A 116 -4.91 -1.47 -1.22
CA PRO A 116 -6.32 -1.49 -1.64
C PRO A 116 -6.68 -2.57 -2.61
N HIS A 117 -5.71 -3.16 -3.28
CA HIS A 117 -5.98 -4.18 -4.28
C HIS A 117 -5.77 -5.58 -3.71
N PHE A 118 -6.67 -6.50 -4.07
CA PHE A 118 -6.46 -7.88 -3.68
C PHE A 118 -5.33 -8.47 -4.51
N SER A 119 -4.50 -9.28 -3.86
CA SER A 119 -3.65 -10.22 -4.57
C SER A 119 -3.57 -11.50 -3.78
N THR A 120 -3.21 -12.55 -4.50
CA THR A 120 -2.94 -13.85 -3.89
C THR A 120 -1.65 -13.82 -3.10
N PHE A 121 -0.70 -12.98 -3.49
CA PHE A 121 0.63 -12.99 -2.90
C PHE A 121 0.65 -12.36 -1.53
N SER A 122 -0.05 -11.24 -1.39
CA SER A 122 -0.07 -10.45 -0.16
CA SER A 122 -0.05 -10.50 -0.12
C SER A 122 -1.38 -10.61 0.57
N VAL A 123 -2.44 -9.90 0.10
CA VAL A 123 -3.71 -9.84 0.86
C VAL A 123 -4.21 -11.22 1.22
N GLN A 124 -4.36 -12.11 0.23
CA GLN A 124 -4.93 -13.41 0.54
C GLN A 124 -4.08 -14.16 1.56
N SER A 125 -2.76 -14.06 1.43
CA SER A 125 -1.87 -14.75 2.34
CA SER A 125 -1.87 -14.76 2.34
C SER A 125 -1.98 -14.20 3.75
N TYR A 126 -2.07 -12.88 3.90
CA TYR A 126 -2.24 -12.28 5.22
C TYR A 126 -3.55 -12.74 5.85
N ASN A 127 -4.63 -12.71 5.09
CA ASN A 127 -5.93 -13.08 5.62
C ASN A 127 -5.96 -14.55 6.02
N LYS A 128 -5.40 -15.42 5.17
CA LYS A 128 -5.31 -16.83 5.51
CA LYS A 128 -5.32 -16.83 5.52
C LYS A 128 -4.49 -17.05 6.77
N ARG A 129 -3.36 -16.36 6.91
CA ARG A 129 -2.53 -16.52 8.10
C ARG A 129 -3.29 -16.11 9.35
N ALA A 130 -4.00 -14.98 9.27
CA ALA A 130 -4.74 -14.54 10.43
C ALA A 130 -5.81 -15.55 10.81
N LYS A 131 -6.56 -16.02 9.81
CA LYS A 131 -7.63 -16.99 10.10
CA LYS A 131 -7.62 -17.00 10.08
C LYS A 131 -7.06 -18.30 10.62
N GLU A 132 -5.91 -18.73 10.12
CA GLU A 132 -5.32 -19.99 10.56
C GLU A 132 -4.87 -19.89 12.00
N GLU A 133 -4.32 -18.75 12.39
CA GLU A 133 -3.95 -18.61 13.79
C GLU A 133 -5.19 -18.57 14.67
N ALA A 134 -6.26 -17.88 14.23
CA ALA A 134 -7.48 -17.88 15.02
C ALA A 134 -8.03 -19.29 15.19
N GLU A 135 -7.95 -20.10 14.14
CA GLU A 135 -8.45 -21.47 14.19
CA GLU A 135 -8.45 -21.48 14.20
C GLU A 135 -7.63 -22.32 15.16
N LYS A 136 -6.32 -22.14 15.14
CA LYS A 136 -5.46 -22.87 16.06
CA LYS A 136 -5.47 -22.88 16.06
C LYS A 136 -5.82 -22.56 17.50
N LEU A 137 -6.03 -21.28 17.81
CA LEU A 137 -6.39 -20.89 19.17
C LEU A 137 -7.83 -21.27 19.54
N GLY A 138 -8.74 -21.23 18.56
CA GLY A 138 -10.15 -21.48 18.76
C GLY A 138 -10.86 -20.28 19.34
N GLY A 139 -12.19 -20.29 19.23
CA GLY A 139 -13.01 -19.31 19.92
CA GLY A 139 -13.01 -19.31 19.92
C GLY A 139 -12.85 -17.87 19.47
N LEU A 140 -12.35 -17.63 18.26
CA LEU A 140 -12.15 -16.29 17.73
C LEU A 140 -12.37 -16.41 16.25
N THR A 141 -13.20 -15.52 15.66
CA THR A 141 -13.41 -15.55 14.24
C THR A 141 -13.09 -14.19 13.62
N ILE A 142 -12.66 -14.23 12.36
CA ILE A 142 -12.26 -13.03 11.64
C ILE A 142 -13.00 -12.98 10.31
N THR A 143 -13.61 -11.83 10.01
CA THR A 143 -14.06 -11.59 8.67
CA THR A 143 -14.16 -11.47 8.68
C THR A 143 -13.12 -10.55 8.05
N SER A 144 -12.67 -10.84 6.85
CA SER A 144 -11.56 -10.13 6.25
C SER A 144 -11.99 -9.32 5.03
N VAL A 145 -11.64 -8.03 5.01
CA VAL A 145 -11.74 -7.24 3.79
C VAL A 145 -10.71 -7.77 2.79
N GLU A 146 -11.15 -8.00 1.56
CA GLU A 146 -10.29 -8.52 0.49
C GLU A 146 -9.76 -7.44 -0.44
N SER A 147 -10.56 -6.42 -0.75
CA SER A 147 -10.06 -5.28 -1.49
C SER A 147 -10.96 -4.11 -1.19
N TRP A 148 -10.46 -2.92 -1.52
CA TRP A 148 -11.20 -1.70 -1.23
C TRP A 148 -10.83 -0.57 -2.19
N TYR A 149 -10.14 -0.88 -3.28
CA TYR A 149 -9.70 0.13 -4.25
C TYR A 149 -10.88 0.86 -4.88
N ASP A 150 -12.06 0.26 -4.88
CA ASP A 150 -13.24 0.83 -5.49
C ASP A 150 -14.17 1.51 -4.50
N GLU A 151 -13.77 1.64 -3.25
CA GLU A 151 -14.54 2.44 -2.32
C GLU A 151 -14.62 3.87 -2.85
N PRO A 152 -15.82 4.43 -3.05
CA PRO A 152 -15.88 5.77 -3.66
C PRO A 152 -15.10 6.81 -2.90
N LYS A 153 -15.10 6.76 -1.57
CA LYS A 153 -14.36 7.78 -0.83
C LYS A 153 -12.85 7.70 -1.08
N PHE A 154 -12.34 6.49 -1.34
CA PHE A 154 -10.92 6.32 -1.62
C PHE A 154 -10.59 6.83 -3.02
N VAL A 155 -11.42 6.48 -4.00
CA VAL A 155 -11.28 7.04 -5.34
C VAL A 155 -11.28 8.55 -5.28
N THR A 156 -12.22 9.13 -4.53
CA THR A 156 -12.32 10.59 -4.46
C THR A 156 -11.07 11.21 -3.83
N TYR A 157 -10.47 10.54 -2.83
CA TYR A 157 -9.21 11.07 -2.29
C TYR A 157 -8.22 11.32 -3.42
N TRP A 158 -8.00 10.31 -4.23
CA TRP A 158 -6.98 10.46 -5.27
C TRP A 158 -7.44 11.37 -6.40
N VAL A 159 -8.71 11.31 -6.77
CA VAL A 159 -9.24 12.21 -7.79
C VAL A 159 -8.96 13.65 -7.41
N ASP A 160 -9.27 14.01 -6.16
CA ASP A 160 -9.09 15.39 -5.75
C ASP A 160 -7.62 15.77 -5.67
N ARG A 161 -6.74 14.86 -5.22
CA ARG A 161 -5.32 15.18 -5.25
C ARG A 161 -4.83 15.40 -6.67
N VAL A 162 -5.27 14.56 -7.61
CA VAL A 162 -4.87 14.71 -9.00
C VAL A 162 -5.39 16.02 -9.59
N LYS A 163 -6.65 16.34 -9.31
CA LYS A 163 -7.20 17.62 -9.79
C LYS A 163 -6.37 18.80 -9.28
N GLU A 164 -5.99 18.78 -8.01
CA GLU A 164 -5.20 19.88 -7.47
C GLU A 164 -3.85 19.99 -8.17
N THR A 165 -3.21 18.85 -8.43
CA THR A 165 -1.92 18.87 -9.10
C THR A 165 -2.03 19.43 -10.51
N TYR A 166 -3.03 18.98 -11.27
CA TYR A 166 -3.18 19.50 -12.63
C TYR A 166 -3.53 20.99 -12.62
N ALA A 167 -4.36 21.42 -11.66
CA ALA A 167 -4.72 22.83 -11.58
C ALA A 167 -3.51 23.69 -11.26
N SER A 168 -2.56 23.14 -10.50
CA SER A 168 -1.36 23.88 -10.12
C SER A 168 -0.39 24.08 -11.27
N MET A 169 -0.48 23.28 -12.32
CA MET A 169 0.53 23.28 -13.38
C MET A 169 0.45 24.55 -14.22
N PRO A 170 1.58 24.97 -14.79
CA PRO A 170 1.53 25.94 -15.89
C PRO A 170 0.72 25.37 -17.04
N GLU A 171 0.17 26.29 -17.83
CA GLU A 171 -0.68 25.89 -18.94
C GLU A 171 0.00 24.87 -19.85
N ASP A 172 1.27 25.08 -20.20
CA ASP A 172 1.92 24.18 -21.16
CA ASP A 172 1.94 24.19 -21.14
C ASP A 172 2.07 22.77 -20.60
N GLU A 173 2.30 22.64 -19.28
CA GLU A 173 2.36 21.31 -18.67
C GLU A 173 0.97 20.71 -18.59
N ARG A 174 -0.03 21.52 -18.23
CA ARG A 174 -1.36 20.96 -18.04
C ARG A 174 -1.89 20.38 -19.34
N GLU A 175 -1.48 20.94 -20.48
CA GLU A 175 -1.88 20.41 -21.77
C GLU A 175 -0.96 19.32 -22.30
N ASN A 176 0.13 19.01 -21.62
CA ASN A 176 1.12 18.07 -22.14
C ASN A 176 1.70 17.25 -20.99
N ALA A 177 0.81 16.70 -20.17
CA ALA A 177 1.20 15.92 -19.02
C ALA A 177 0.75 14.49 -19.17
N MET A 178 1.38 13.60 -18.40
CA MET A 178 1.03 12.19 -18.37
C MET A 178 0.85 11.79 -16.92
N LEU A 179 -0.25 11.12 -16.61
CA LEU A 179 -0.52 10.57 -15.30
C LEU A 179 -0.12 9.10 -15.30
N ILE A 180 0.74 8.71 -14.36
CA ILE A 180 1.19 7.32 -14.22
C ILE A 180 0.63 6.80 -12.92
N VAL A 181 -0.20 5.76 -13.00
CA VAL A 181 -0.84 5.16 -11.84
C VAL A 181 -0.18 3.80 -11.60
N SER A 182 0.26 3.54 -10.38
CA SER A 182 1.08 2.38 -10.12
C SER A 182 0.77 1.69 -8.79
N ALA A 183 1.31 0.49 -8.68
CA ALA A 183 1.27 -0.32 -7.47
C ALA A 183 2.53 -1.18 -7.43
N HIS A 184 2.75 -1.87 -6.31
CA HIS A 184 3.88 -2.74 -6.16
C HIS A 184 3.80 -3.88 -7.17
N SER A 185 4.86 -4.05 -7.94
CA SER A 185 4.94 -5.19 -8.82
C SER A 185 4.90 -6.49 -8.02
N LEU A 186 4.41 -7.55 -8.65
CA LEU A 186 4.43 -8.90 -8.12
C LEU A 186 4.87 -9.81 -9.23
N PRO A 187 5.28 -11.05 -8.91
CA PRO A 187 5.61 -12.01 -9.97
C PRO A 187 4.45 -12.20 -10.94
N GLU A 188 4.78 -12.25 -12.23
CA GLU A 188 3.77 -12.51 -13.25
C GLU A 188 3.04 -13.82 -13.02
N LYS A 189 3.66 -14.77 -12.35
CA LYS A 189 3.03 -16.08 -12.22
C LYS A 189 1.76 -16.06 -11.38
N ILE A 190 1.43 -14.94 -10.71
CA ILE A 190 0.11 -14.86 -10.08
C ILE A 190 -0.99 -15.08 -11.11
N LYS A 191 -0.72 -14.81 -12.39
CA LYS A 191 -1.72 -15.03 -13.42
CA LYS A 191 -1.68 -15.05 -13.45
C LYS A 191 -2.14 -16.50 -13.53
N GLU A 192 -1.32 -17.45 -13.09
CA GLU A 192 -1.73 -18.85 -13.18
CA GLU A 192 -1.73 -18.84 -13.19
C GLU A 192 -2.95 -19.11 -12.31
N PHE A 193 -3.21 -18.25 -11.33
CA PHE A 193 -4.35 -18.43 -10.44
CA PHE A 193 -4.32 -18.37 -10.39
C PHE A 193 -5.47 -17.46 -10.74
N GLY A 194 -5.38 -16.70 -11.83
CA GLY A 194 -6.42 -15.73 -12.12
C GLY A 194 -6.44 -14.57 -11.17
N ASP A 195 -5.29 -14.26 -10.60
CA ASP A 195 -5.22 -13.20 -9.61
C ASP A 195 -5.71 -11.90 -10.23
N PRO A 196 -6.66 -11.20 -9.61
CA PRO A 196 -7.21 -9.98 -10.20
C PRO A 196 -6.37 -8.75 -9.94
N TYR A 197 -5.23 -8.88 -9.28
CA TYR A 197 -4.43 -7.70 -8.91
C TYR A 197 -4.14 -6.77 -10.09
N PRO A 198 -3.64 -7.25 -11.23
CA PRO A 198 -3.43 -6.31 -12.35
C PRO A 198 -4.71 -5.67 -12.83
N ASP A 199 -5.80 -6.43 -12.93
CA ASP A 199 -7.05 -5.82 -13.37
C ASP A 199 -7.51 -4.75 -12.41
N GLN A 200 -7.31 -4.97 -11.10
CA GLN A 200 -7.74 -3.98 -10.11
C GLN A 200 -6.90 -2.72 -10.18
N LEU A 201 -5.58 -2.83 -10.40
CA LEU A 201 -4.80 -1.62 -10.61
C LEU A 201 -5.30 -0.85 -11.83
N HIS A 202 -5.55 -1.58 -12.93
CA HIS A 202 -6.04 -0.88 -14.12
C HIS A 202 -7.37 -0.20 -13.86
N GLU A 203 -8.24 -0.83 -13.08
CA GLU A 203 -9.52 -0.22 -12.75
CA GLU A 203 -9.52 -0.22 -12.74
C GLU A 203 -9.34 1.01 -11.85
N SER A 204 -8.45 0.94 -10.84
CA SER A 204 -8.12 2.14 -10.07
C SER A 204 -7.72 3.27 -10.99
N ALA A 205 -6.81 2.99 -11.92
CA ALA A 205 -6.33 4.04 -12.81
C ALA A 205 -7.47 4.63 -13.63
N LYS A 206 -8.32 3.76 -14.18
CA LYS A 206 -9.49 4.22 -14.94
CA LYS A 206 -9.46 4.24 -14.94
C LYS A 206 -10.36 5.14 -14.10
N LEU A 207 -10.67 4.72 -12.88
CA LEU A 207 -11.58 5.45 -12.02
C LEU A 207 -10.99 6.79 -11.62
N ILE A 208 -9.70 6.81 -11.31
CA ILE A 208 -9.07 8.06 -10.86
C ILE A 208 -8.95 9.03 -12.04
N ALA A 209 -8.48 8.54 -13.18
CA ALA A 209 -8.37 9.41 -14.34
C ALA A 209 -9.74 9.93 -14.75
N GLU A 210 -10.76 9.08 -14.76
CA GLU A 210 -12.12 9.51 -15.10
C GLU A 210 -12.61 10.58 -14.15
N GLY A 211 -12.50 10.33 -12.85
CA GLY A 211 -12.97 11.30 -11.89
C GLY A 211 -12.24 12.62 -11.96
N ALA A 212 -10.96 12.58 -12.30
CA ALA A 212 -10.16 13.80 -12.38
C ALA A 212 -10.27 14.49 -13.75
N GLY A 213 -10.91 13.87 -14.72
CA GLY A 213 -10.97 14.45 -16.06
C GLY A 213 -9.65 14.43 -16.78
N VAL A 214 -8.82 13.41 -16.52
CA VAL A 214 -7.51 13.29 -17.16
C VAL A 214 -7.64 12.26 -18.26
N SER A 215 -7.39 12.68 -19.50
N SER A 215 -7.44 12.68 -19.50
CA SER A 215 -7.57 11.86 -20.70
CA SER A 215 -7.59 11.77 -20.63
C SER A 215 -6.32 11.09 -21.10
C SER A 215 -6.34 10.96 -20.92
N GLU A 216 -5.15 11.49 -20.61
CA GLU A 216 -3.90 10.83 -20.92
C GLU A 216 -3.31 10.24 -19.65
N TYR A 217 -3.35 8.92 -19.54
CA TYR A 217 -2.77 8.25 -18.38
C TYR A 217 -2.24 6.90 -18.79
N ALA A 218 -1.43 6.32 -17.91
CA ALA A 218 -0.86 5.00 -18.15
C ALA A 218 -0.72 4.30 -16.82
N VAL A 219 -0.59 2.97 -16.90
CA VAL A 219 -0.51 2.10 -15.73
C VAL A 219 0.87 1.47 -15.72
N GLY A 220 1.53 1.53 -14.57
CA GLY A 220 2.83 0.91 -14.43
C GLY A 220 2.96 0.25 -13.07
N TRP A 221 4.08 -0.43 -12.90
CA TRP A 221 4.38 -1.17 -11.69
C TRP A 221 5.69 -0.64 -11.13
N GLN A 222 5.93 -0.88 -9.84
CA GLN A 222 7.17 -0.40 -9.25
C GLN A 222 7.63 -1.32 -8.14
N SER A 223 8.90 -1.17 -7.81
CA SER A 223 9.46 -1.76 -6.60
C SER A 223 9.53 -3.28 -6.67
N GLU A 224 9.69 -3.86 -7.84
CA GLU A 224 9.77 -5.31 -7.92
C GLU A 224 10.93 -5.83 -7.09
N GLY A 225 10.77 -7.05 -6.56
CA GLY A 225 11.86 -7.78 -5.94
C GLY A 225 12.79 -8.38 -6.97
N ASN A 226 13.83 -9.10 -6.51
CA ASN A 226 14.81 -9.71 -7.41
C ASN A 226 14.71 -11.23 -7.30
N THR A 227 14.02 -11.87 -8.23
CA THR A 227 13.92 -13.31 -8.31
C THR A 227 14.11 -13.68 -9.78
N PRO A 228 14.40 -14.96 -10.08
CA PRO A 228 14.63 -15.33 -11.48
C PRO A 228 13.40 -15.26 -12.36
N ASP A 229 12.18 -15.35 -11.76
CA ASP A 229 10.99 -15.32 -12.60
C ASP A 229 10.53 -13.88 -12.82
N PRO A 230 9.84 -13.61 -13.92
CA PRO A 230 9.49 -12.22 -14.24
C PRO A 230 8.43 -11.64 -13.33
N TRP A 231 8.55 -10.33 -13.10
CA TRP A 231 7.58 -9.56 -12.34
C TRP A 231 6.75 -8.67 -13.29
N LEU A 232 5.57 -8.28 -12.84
CA LEU A 232 4.70 -7.40 -13.62
C LEU A 232 5.42 -6.13 -14.05
N GLY A 233 5.24 -5.77 -15.31
CA GLY A 233 5.80 -4.56 -15.86
C GLY A 233 4.79 -3.89 -16.76
N PRO A 234 5.15 -2.73 -17.33
CA PRO A 234 6.47 -2.10 -17.24
C PRO A 234 6.68 -1.43 -15.91
N ASP A 235 7.95 -1.34 -15.53
CA ASP A 235 8.33 -0.56 -14.37
C ASP A 235 8.19 0.93 -14.68
N VAL A 236 7.78 1.69 -13.66
CA VAL A 236 7.57 3.11 -13.83
C VAL A 236 8.76 3.86 -14.44
N GLN A 237 10.00 3.47 -14.14
CA GLN A 237 11.14 4.19 -14.69
C GLN A 237 11.19 4.02 -16.21
N ASP A 238 10.98 2.78 -16.67
CA ASP A 238 10.99 2.49 -18.10
C ASP A 238 9.78 3.09 -18.78
N LEU A 239 8.61 2.96 -18.16
CA LEU A 239 7.40 3.52 -18.74
C LEU A 239 7.52 5.02 -18.94
N THR A 240 8.05 5.73 -17.96
CA THR A 240 8.23 7.18 -18.07
C THR A 240 9.06 7.52 -19.29
N ARG A 241 10.22 6.84 -19.43
CA ARG A 241 11.09 7.19 -20.56
C ARG A 241 10.43 6.81 -21.88
N ASP A 242 9.78 5.66 -21.95
CA ASP A 242 9.14 5.25 -23.20
C ASP A 242 8.05 6.23 -23.60
N LEU A 243 7.20 6.64 -22.67
CA LEU A 243 6.14 7.58 -23.01
C LEU A 243 6.72 8.92 -23.45
N PHE A 244 7.80 9.35 -22.80
CA PHE A 244 8.46 10.58 -23.23
C PHE A 244 9.00 10.44 -24.66
N GLU A 245 9.67 9.34 -24.96
CA GLU A 245 10.17 9.14 -26.33
CA GLU A 245 10.17 9.13 -26.32
C GLU A 245 9.02 9.11 -27.33
N GLN A 246 7.88 8.54 -26.95
CA GLN A 246 6.74 8.43 -27.86
C GLN A 246 6.06 9.77 -28.11
N LYS A 247 5.89 10.60 -27.07
CA LYS A 247 5.02 11.76 -27.21
C LYS A 247 5.55 13.03 -26.59
N GLY A 248 6.69 13.01 -25.91
CA GLY A 248 7.32 14.24 -25.46
C GLY A 248 6.65 14.95 -24.29
N TYR A 249 5.95 14.22 -23.41
CA TYR A 249 5.27 14.85 -22.30
C TYR A 249 6.25 15.65 -21.49
N GLN A 250 5.79 16.80 -21.00
CA GLN A 250 6.59 17.79 -20.28
CA GLN A 250 6.70 17.67 -20.26
C GLN A 250 6.39 17.72 -18.78
N ALA A 251 5.45 16.90 -18.31
CA ALA A 251 5.19 16.73 -16.89
C ALA A 251 4.68 15.32 -16.69
N PHE A 252 5.13 14.68 -15.60
CA PHE A 252 4.64 13.37 -15.21
C PHE A 252 4.11 13.48 -13.80
N VAL A 253 2.91 12.94 -13.60
CA VAL A 253 2.24 12.93 -12.30
C VAL A 253 2.14 11.48 -11.87
N TYR A 254 2.74 11.14 -10.73
CA TYR A 254 2.78 9.77 -10.23
C TYR A 254 1.75 9.62 -9.12
N VAL A 255 0.83 8.68 -9.31
CA VAL A 255 -0.15 8.29 -8.30
C VAL A 255 0.11 6.84 -7.94
N PRO A 256 0.89 6.59 -6.87
CA PRO A 256 1.22 5.21 -6.48
C PRO A 256 0.08 4.67 -5.61
N VAL A 257 -1.07 4.46 -6.28
CA VAL A 257 -2.33 4.13 -5.62
C VAL A 257 -2.24 2.86 -4.80
N GLY A 258 -1.36 1.94 -5.17
CA GLY A 258 -1.21 0.73 -4.39
C GLY A 258 -0.62 0.91 -3.02
N PHE A 259 0.00 2.06 -2.75
CA PHE A 259 0.67 2.37 -1.50
C PHE A 259 -0.16 3.37 -0.72
N VAL A 260 -0.14 3.27 0.60
CA VAL A 260 -0.98 4.13 1.44
C VAL A 260 -0.18 5.10 2.29
N ALA A 261 1.15 5.07 2.23
CA ALA A 261 1.97 5.79 3.18
C ALA A 261 3.28 6.23 2.55
N ASP A 262 3.90 7.24 3.18
CA ASP A 262 5.23 7.72 2.83
C ASP A 262 6.32 6.76 3.33
N HIS A 263 6.50 5.64 2.62
CA HIS A 263 7.53 4.62 2.90
C HIS A 263 8.58 4.62 1.79
N LEU A 264 9.54 3.70 1.88
CA LEU A 264 10.65 3.74 0.94
C LEU A 264 10.18 3.63 -0.51
N GLU A 265 9.13 2.85 -0.76
CA GLU A 265 8.68 2.64 -2.14
CA GLU A 265 8.72 2.63 -2.13
C GLU A 265 8.22 3.93 -2.76
N VAL A 266 7.62 4.82 -2.00
CA VAL A 266 7.18 6.09 -2.58
C VAL A 266 8.28 7.13 -2.51
N LEU A 267 8.85 7.32 -1.32
CA LEU A 267 9.82 8.39 -1.11
C LEU A 267 11.10 8.16 -1.89
N TYR A 268 11.49 6.90 -2.10
CA TYR A 268 12.67 6.62 -2.91
CA TYR A 268 12.68 6.56 -2.89
C TYR A 268 12.29 6.13 -4.30
N ASP A 269 11.46 5.09 -4.42
CA ASP A 269 11.24 4.54 -5.76
C ASP A 269 10.46 5.48 -6.67
N ASN A 270 9.62 6.37 -6.14
CA ASN A 270 9.05 7.44 -6.96
C ASN A 270 9.90 8.70 -6.85
N ASP A 271 9.97 9.28 -5.66
CA ASP A 271 10.47 10.64 -5.52
C ASP A 271 11.97 10.78 -5.78
N TYR A 272 12.72 9.67 -5.76
CA TYR A 272 14.09 9.63 -6.25
C TYR A 272 14.16 8.97 -7.63
N GLU A 273 13.81 7.68 -7.73
CA GLU A 273 14.12 6.97 -8.97
C GLU A 273 13.34 7.51 -10.16
N CYS A 274 12.04 7.83 -10.00
CA CYS A 274 11.32 8.39 -11.14
C CYS A 274 11.77 9.82 -11.42
N LYS A 275 12.08 10.58 -10.37
CA LYS A 275 12.58 11.94 -10.49
C LYS A 275 13.91 11.98 -11.24
N VAL A 276 14.77 10.98 -11.08
CA VAL A 276 16.00 10.94 -11.90
C VAL A 276 15.65 10.96 -13.37
N VAL A 277 14.65 10.15 -13.75
CA VAL A 277 14.26 10.04 -15.15
C VAL A 277 13.63 11.33 -15.64
N THR A 278 12.67 11.88 -14.88
CA THR A 278 12.04 13.12 -15.33
C THR A 278 13.08 14.23 -15.43
N ASP A 279 14.02 14.30 -14.48
CA ASP A 279 15.07 15.30 -14.59
C ASP A 279 15.91 15.08 -15.84
N ASP A 280 16.19 13.82 -16.18
CA ASP A 280 17.04 13.53 -17.32
C ASP A 280 16.40 13.97 -18.61
N ILE A 281 15.07 13.82 -18.70
CA ILE A 281 14.35 14.13 -19.93
C ILE A 281 13.85 15.57 -19.95
N GLY A 282 14.05 16.33 -18.88
CA GLY A 282 13.61 17.71 -18.83
C GLY A 282 12.16 17.91 -18.52
N ALA A 283 11.50 16.93 -17.93
CA ALA A 283 10.11 17.05 -17.57
C ALA A 283 9.98 17.42 -16.10
N SER A 284 8.84 18.02 -15.74
CA SER A 284 8.50 18.27 -14.35
C SER A 284 7.95 16.99 -13.71
N TYR A 285 8.24 16.84 -12.43
CA TYR A 285 7.83 15.71 -11.61
C TYR A 285 6.79 16.17 -10.59
N TYR A 286 5.69 15.44 -10.49
CA TYR A 286 4.69 15.66 -9.45
C TYR A 286 4.29 14.31 -8.88
N ARG A 287 4.05 14.28 -7.58
CA ARG A 287 3.62 13.05 -6.89
C ARG A 287 2.78 13.54 -5.72
N PRO A 288 1.46 13.54 -5.85
CA PRO A 288 0.61 14.13 -4.79
C PRO A 288 0.71 13.35 -3.50
N GLU A 289 0.19 13.96 -2.43
CA GLU A 289 0.36 13.40 -1.09
CA GLU A 289 0.35 13.41 -1.09
C GLU A 289 -0.25 12.02 -0.97
N MET A 290 0.48 11.12 -0.34
CA MET A 290 -0.06 9.82 0.01
C MET A 290 -1.12 9.98 1.09
N PRO A 291 -2.04 9.01 1.18
CA PRO A 291 -3.10 9.10 2.20
C PRO A 291 -2.59 9.25 3.63
N ASN A 292 -1.57 8.48 4.01
CA ASN A 292 -1.04 8.50 5.37
C ASN A 292 -2.21 8.35 6.34
N ALA A 293 -2.29 9.14 7.40
CA ALA A 293 -3.35 9.00 8.40
C ALA A 293 -4.33 10.16 8.34
N LYS A 294 -4.45 10.80 7.18
CA LYS A 294 -5.30 11.97 7.09
CA LYS A 294 -5.30 11.97 7.00
C LYS A 294 -6.77 11.61 7.21
N PRO A 295 -7.57 12.51 7.81
CA PRO A 295 -8.97 12.18 8.10
C PRO A 295 -9.76 11.73 6.89
N GLU A 296 -9.53 12.29 5.70
CA GLU A 296 -10.32 11.87 4.55
C GLU A 296 -10.08 10.39 4.27
N PHE A 297 -8.83 9.95 4.39
CA PHE A 297 -8.50 8.56 4.13
C PHE A 297 -9.04 7.66 5.23
N ILE A 298 -8.91 8.09 6.49
CA ILE A 298 -9.41 7.29 7.60
C ILE A 298 -10.92 7.10 7.47
N ASP A 299 -11.63 8.13 7.01
CA ASP A 299 -13.08 7.98 6.82
C ASP A 299 -13.39 7.00 5.70
N ALA A 300 -12.60 7.02 4.62
CA ALA A 300 -12.75 6.00 3.59
C ALA A 300 -12.60 4.59 4.16
N LEU A 301 -11.54 4.37 4.94
CA LEU A 301 -11.32 3.03 5.52
C LEU A 301 -12.43 2.65 6.49
N ALA A 302 -12.92 3.61 7.26
CA ALA A 302 -14.00 3.29 8.20
C ALA A 302 -15.23 2.84 7.44
N THR A 303 -15.54 3.52 6.33
CA THR A 303 -16.66 3.12 5.48
C THR A 303 -16.45 1.72 4.92
N VAL A 304 -15.23 1.41 4.46
CA VAL A 304 -14.93 0.06 3.99
C VAL A 304 -15.28 -0.97 5.05
N VAL A 305 -14.84 -0.72 6.28
CA VAL A 305 -15.08 -1.70 7.36
C VAL A 305 -16.56 -1.84 7.65
N LEU A 306 -17.27 -0.71 7.78
CA LEU A 306 -18.69 -0.81 8.12
C LEU A 306 -19.50 -1.44 7.00
N LYS A 307 -19.14 -1.16 5.74
CA LYS A 307 -19.78 -1.85 4.63
C LYS A 307 -19.52 -3.35 4.69
N LYS A 308 -18.29 -3.76 5.03
CA LYS A 308 -17.98 -5.19 5.12
C LYS A 308 -18.84 -5.88 6.17
N LEU A 309 -19.18 -5.16 7.23
CA LEU A 309 -20.02 -5.69 8.29
C LEU A 309 -21.52 -5.49 8.02
N GLY A 310 -21.87 -4.89 6.89
CA GLY A 310 -23.26 -4.67 6.53
C GLY A 310 -23.97 -3.59 7.30
N ARG A 311 -23.23 -2.71 7.99
CA ARG A 311 -23.81 -1.75 8.89
C ARG A 311 -24.00 -0.37 8.28
N VAL A 312 -23.60 -0.19 7.03
CA VAL A 312 -23.98 0.98 6.25
C VAL A 312 -24.23 0.49 4.83
N ASP A 313 -25.06 1.22 4.10
CA ASP A 313 -25.33 0.91 2.70
C ASP A 313 -24.12 1.26 1.83
MG MG B . 13.84 -1.12 -6.72
MG MG C . 21.39 3.65 16.61
MG MG D . -15.20 -5.74 -3.70
MG MG E . 13.69 -11.01 -14.07
MG MG F . 23.15 1.78 -6.05
CL CL G . -11.44 -8.56 -4.37
#